data_6FKP
#
_entry.id   6FKP
#
_cell.length_a   72.719
_cell.length_b   72.719
_cell.length_c   99.894
_cell.angle_alpha   90.00
_cell.angle_beta   90.00
_cell.angle_gamma   90.00
#
_symmetry.space_group_name_H-M   'P 43 21 2'
#
loop_
_entity.id
_entity.type
_entity.pdbx_description
1 polymer 'Bromodomain adjacent to zinc finger domain protein 2A'
2 polymer ALA-ARG-THR-ALA-ALA-THR-ALA-ARG
3 non-polymer 'ZINC ION'
4 non-polymer 'PHOSPHATE ION'
5 non-polymer GLYCEROL
6 water water
#
loop_
_entity_poly.entity_id
_entity_poly.type
_entity_poly.pdbx_seq_one_letter_code
_entity_poly.pdbx_strand_id
1 'polypeptide(L)' HMSVNKVTCLVCRKGDNDEFLLLCDGCDRGCHIYCHRPKMEAVPEGDWFCTVCLAQQV A,B,C,D
2 'polypeptide(L)' ARTAATARKS E,F,G
#
loop_
_chem_comp.id
_chem_comp.type
_chem_comp.name
_chem_comp.formula
GOL non-polymer GLYCEROL 'C3 H8 O3'
PO4 non-polymer 'PHOSPHATE ION' 'O4 P -3'
ZN non-polymer 'ZINC ION' 'Zn 2'
#
# COMPACT_ATOMS: atom_id res chain seq x y z
N LYS A 6 -10.12 19.49 12.69
CA LYS A 6 -11.11 18.59 13.35
C LYS A 6 -10.58 17.16 13.56
N VAL A 7 -9.25 16.99 13.54
CA VAL A 7 -8.65 15.65 13.62
C VAL A 7 -8.63 15.19 15.07
N THR A 8 -9.05 13.94 15.29
CA THR A 8 -8.93 13.29 16.59
C THR A 8 -8.06 12.05 16.45
N CYS A 9 -7.51 11.62 17.58
CA CYS A 9 -6.62 10.47 17.64
C CYS A 9 -7.43 9.17 17.57
N LEU A 10 -6.97 8.24 16.74
CA LEU A 10 -7.64 6.93 16.60
C LEU A 10 -7.68 6.09 17.87
N VAL A 11 -6.69 6.24 18.74
CA VAL A 11 -6.58 5.44 19.96
C VAL A 11 -7.47 5.99 21.09
N CYS A 12 -7.22 7.24 21.49
CA CYS A 12 -7.90 7.83 22.65
C CYS A 12 -9.14 8.68 22.31
N ARG A 13 -9.39 8.90 21.02
CA ARG A 13 -10.56 9.67 20.53
C ARG A 13 -10.58 11.16 20.92
N LYS A 14 -9.41 11.74 21.24
CA LYS A 14 -9.33 13.17 21.60
C LYS A 14 -8.43 13.93 20.63
N GLY A 15 -8.71 15.21 20.47
CA GLY A 15 -7.96 16.10 19.59
C GLY A 15 -7.03 17.07 20.30
N ASP A 16 -6.79 16.85 21.60
CA ASP A 16 -5.90 17.71 22.39
C ASP A 16 -4.41 17.48 22.05
N ASN A 17 -3.54 18.36 22.55
CA ASN A 17 -2.09 18.28 22.34
C ASN A 17 -1.74 18.09 20.87
N ASP A 18 -2.19 19.02 20.04
CA ASP A 18 -2.06 18.90 18.59
C ASP A 18 -0.61 18.90 18.07
N GLU A 19 0.34 19.34 18.90
CA GLU A 19 1.77 19.26 18.57
CA GLU A 19 1.78 19.25 18.55
C GLU A 19 2.27 17.80 18.55
N PHE A 20 1.57 16.92 19.27
CA PHE A 20 1.89 15.49 19.31
C PHE A 20 0.97 14.62 18.42
N LEU A 21 -0.01 15.26 17.76
CA LEU A 21 -1.09 14.56 17.06
C LEU A 21 -0.72 14.35 15.59
N LEU A 22 -0.11 13.19 15.32
CA LEU A 22 0.39 12.84 14.00
C LEU A 22 -0.74 12.65 12.99
N LEU A 23 -0.57 13.19 11.78
CA LEU A 23 -1.57 13.09 10.70
C LEU A 23 -1.18 12.04 9.67
N CYS A 24 -2.15 11.24 9.26
CA CYS A 24 -1.93 10.23 8.22
C CYS A 24 -1.75 10.90 6.85
N ASP A 25 -0.77 10.45 6.09
CA ASP A 25 -0.53 10.95 4.73
C ASP A 25 -1.42 10.31 3.66
N GLY A 26 -2.21 9.30 4.05
CA GLY A 26 -3.16 8.65 3.15
C GLY A 26 -4.63 9.00 3.36
N CYS A 27 -4.96 9.65 4.48
CA CYS A 27 -6.36 9.98 4.82
C CYS A 27 -6.43 11.11 5.86
N ASP A 28 -7.63 11.39 6.38
CA ASP A 28 -7.83 12.46 7.37
C ASP A 28 -7.59 12.06 8.83
N ARG A 29 -7.15 10.81 9.08
CA ARG A 29 -7.08 10.27 10.45
C ARG A 29 -5.79 10.69 11.13
N GLY A 30 -5.79 10.57 12.45
CA GLY A 30 -4.65 10.99 13.27
C GLY A 30 -4.37 10.07 14.42
N CYS A 31 -3.20 10.27 15.04
CA CYS A 31 -2.82 9.50 16.22
C CYS A 31 -1.76 10.27 17.02
N HIS A 32 -1.97 10.41 18.32
CA HIS A 32 -0.94 10.97 19.20
C HIS A 32 0.26 10.05 19.18
N ILE A 33 1.46 10.61 19.05
CA ILE A 33 2.68 9.80 19.12
C ILE A 33 2.77 9.03 20.45
N TYR A 34 2.27 9.63 21.52
CA TYR A 34 2.28 8.98 22.84
C TYR A 34 1.23 7.89 23.03
N CYS A 35 0.22 7.84 22.16
CA CYS A 35 -0.76 6.74 22.14
C CYS A 35 -0.33 5.58 21.26
N HIS A 36 0.63 5.83 20.36
CA HIS A 36 1.11 4.80 19.44
C HIS A 36 1.83 3.64 20.17
N ARG A 37 1.56 2.41 19.74
CA ARG A 37 2.28 1.22 20.19
C ARG A 37 2.61 0.39 18.93
N PRO A 38 3.87 0.09 18.65
CA PRO A 38 5.05 0.35 19.50
C PRO A 38 5.42 1.82 19.68
N LYS A 39 6.33 2.07 20.62
CA LYS A 39 6.74 3.41 21.04
C LYS A 39 7.16 4.28 19.87
N MET A 40 6.63 5.50 19.83
CA MET A 40 7.01 6.52 18.87
C MET A 40 7.42 7.76 19.65
N GLU A 41 8.72 8.00 19.77
CA GLU A 41 9.25 9.11 20.58
C GLU A 41 9.15 10.48 19.91
N ALA A 42 8.95 10.52 18.61
CA ALA A 42 8.89 11.79 17.89
C ALA A 42 8.09 11.65 16.61
N VAL A 43 7.70 12.80 16.06
CA VAL A 43 6.97 12.87 14.81
C VAL A 43 7.96 12.48 13.71
N PRO A 44 7.65 11.44 12.91
CA PRO A 44 8.59 11.02 11.86
C PRO A 44 8.69 12.01 10.70
N GLU A 45 9.88 12.09 10.10
CA GLU A 45 10.15 12.97 8.96
C GLU A 45 9.52 12.43 7.68
N GLY A 46 9.59 11.12 7.48
CA GLY A 46 8.99 10.46 6.32
C GLY A 46 7.48 10.32 6.46
N ASP A 47 6.84 9.73 5.45
CA ASP A 47 5.39 9.53 5.45
C ASP A 47 4.96 8.54 6.51
N TRP A 48 3.84 8.83 7.18
CA TRP A 48 3.22 7.89 8.12
C TRP A 48 1.81 7.53 7.64
N PHE A 49 1.50 6.24 7.66
CA PHE A 49 0.19 5.72 7.26
C PHE A 49 -0.50 5.07 8.44
N CYS A 50 -1.75 5.45 8.67
CA CYS A 50 -2.58 4.83 9.70
C CYS A 50 -2.95 3.40 9.31
N THR A 51 -3.53 2.67 10.27
CA THR A 51 -3.89 1.27 10.07
C THR A 51 -4.98 1.02 9.03
N VAL A 52 -5.88 1.97 8.84
CA VAL A 52 -6.90 1.88 7.80
C VAL A 52 -6.23 1.96 6.41
N CYS A 53 -5.32 2.91 6.23
CA CYS A 53 -4.54 3.01 5.00
C CYS A 53 -3.62 1.81 4.74
N LEU A 54 -2.98 1.28 5.79
CA LEU A 54 -2.18 0.05 5.65
C LEU A 54 -3.02 -1.12 5.14
N ALA A 55 -4.27 -1.19 5.58
CA ALA A 55 -5.21 -2.22 5.11
C ALA A 55 -5.60 -2.09 3.61
N GLN A 56 -5.38 -0.93 3.00
CA GLN A 56 -5.64 -0.74 1.55
C GLN A 56 -4.44 -1.10 0.65
N GLN A 57 -3.25 -1.25 1.23
CA GLN A 57 -2.04 -1.57 0.46
C GLN A 57 -2.09 -2.94 -0.21
N VAL A 58 -1.22 -3.14 -1.19
CA VAL A 58 -1.03 -4.43 -1.85
C VAL A 58 0.45 -4.64 -2.17
N VAL B 7 4.45 -16.80 -27.14
CA VAL B 7 4.13 -15.58 -26.34
C VAL B 7 5.21 -15.32 -25.30
N THR B 8 5.63 -14.06 -25.21
CA THR B 8 6.60 -13.62 -24.20
C THR B 8 5.99 -12.56 -23.29
N CYS B 9 6.60 -12.40 -22.12
CA CYS B 9 6.16 -11.41 -21.15
C CYS B 9 6.64 -10.01 -21.53
N LEU B 10 5.72 -9.04 -21.50
CA LEU B 10 6.03 -7.64 -21.81
C LEU B 10 7.14 -7.03 -20.95
N VAL B 11 7.16 -7.41 -19.67
CA VAL B 11 8.11 -6.86 -18.71
C VAL B 11 9.50 -7.46 -18.89
N CYS B 12 9.63 -8.78 -18.71
CA CYS B 12 10.95 -9.45 -18.69
C CYS B 12 11.42 -10.08 -20.02
N ARG B 13 10.55 -10.12 -21.03
CA ARG B 13 10.88 -10.65 -22.37
C ARG B 13 11.19 -12.17 -22.40
N LYS B 14 10.53 -12.95 -21.54
CA LYS B 14 10.73 -14.41 -21.50
C LYS B 14 9.39 -15.14 -21.47
N GLY B 15 9.38 -16.34 -22.06
CA GLY B 15 8.18 -17.17 -22.14
C GLY B 15 8.16 -18.36 -21.21
N ASP B 16 9.03 -18.36 -20.19
CA ASP B 16 9.10 -19.47 -19.22
C ASP B 16 7.97 -19.38 -18.18
N ASN B 17 7.79 -20.47 -17.45
CA ASN B 17 6.77 -20.58 -16.38
C ASN B 17 5.39 -20.17 -16.89
N ASP B 18 4.95 -20.80 -17.97
CA ASP B 18 3.71 -20.44 -18.68
C ASP B 18 2.41 -20.56 -17.86
N GLU B 19 2.44 -21.32 -16.77
CA GLU B 19 1.30 -21.35 -15.82
C GLU B 19 1.04 -19.98 -15.17
N PHE B 20 2.07 -19.12 -15.13
CA PHE B 20 1.99 -17.78 -14.52
C PHE B 20 1.92 -16.65 -15.54
N LEU B 21 1.81 -16.98 -16.81
CA LEU B 21 1.92 -16.02 -17.90
C LEU B 21 0.52 -15.61 -18.36
N LEU B 22 0.03 -14.51 -17.78
CA LEU B 22 -1.30 -13.97 -18.09
C LEU B 22 -1.33 -13.45 -19.53
N LEU B 23 -2.34 -13.88 -20.29
CA LEU B 23 -2.44 -13.54 -21.71
C LEU B 23 -3.51 -12.47 -21.94
N CYS B 24 -3.17 -11.50 -22.78
CA CYS B 24 -4.09 -10.42 -23.13
C CYS B 24 -5.22 -10.94 -24.00
N ASP B 25 -6.44 -10.49 -23.72
CA ASP B 25 -7.62 -10.87 -24.52
C ASP B 25 -7.80 -10.04 -25.78
N GLY B 26 -7.09 -8.91 -25.87
CA GLY B 26 -7.14 -8.01 -27.03
C GLY B 26 -6.08 -8.24 -28.10
N CYS B 27 -4.94 -8.84 -27.72
CA CYS B 27 -3.82 -9.03 -28.64
C CYS B 27 -3.01 -10.28 -28.28
N ASP B 28 -1.85 -10.45 -28.91
CA ASP B 28 -0.99 -11.62 -28.68
C ASP B 28 -0.04 -11.50 -27.47
N ARG B 29 -0.11 -10.41 -26.70
CA ARG B 29 0.89 -10.13 -25.68
C ARG B 29 0.55 -10.80 -24.36
N GLY B 30 1.56 -10.92 -23.51
CA GLY B 30 1.43 -11.55 -22.21
C GLY B 30 2.20 -10.82 -21.13
N CYS B 31 1.96 -11.24 -19.89
CA CYS B 31 2.70 -10.72 -18.74
C CYS B 31 2.67 -11.75 -17.62
N HIS B 32 3.84 -12.08 -17.07
CA HIS B 32 3.91 -12.90 -15.85
C HIS B 32 3.19 -12.14 -14.75
N ILE B 33 2.37 -12.84 -13.96
CA ILE B 33 1.74 -12.21 -12.79
C ILE B 33 2.78 -11.73 -11.78
N TYR B 34 3.91 -12.41 -11.73
CA TYR B 34 5.01 -12.01 -10.83
C TYR B 34 5.88 -10.84 -11.32
N CYS B 35 5.76 -10.49 -12.60
CA CYS B 35 6.35 -9.25 -13.14
C CYS B 35 5.42 -8.04 -13.08
N HIS B 36 4.14 -8.26 -12.79
CA HIS B 36 3.15 -7.17 -12.72
C HIS B 36 3.37 -6.28 -11.51
N ARG B 37 3.24 -4.97 -11.71
CA ARG B 37 3.27 -4.00 -10.63
C ARG B 37 2.10 -3.03 -10.90
N PRO B 38 1.13 -2.90 -9.98
CA PRO B 38 1.16 -3.44 -8.62
C PRO B 38 1.00 -4.95 -8.52
N LYS B 39 1.14 -5.48 -7.31
CA LYS B 39 1.19 -6.92 -7.07
C LYS B 39 -0.06 -7.63 -7.56
N MET B 40 0.15 -8.70 -8.31
CA MET B 40 -0.91 -9.56 -8.81
C MET B 40 -0.57 -10.97 -8.33
N GLU B 41 -1.25 -11.42 -7.29
CA GLU B 41 -0.88 -12.69 -6.65
C GLU B 41 -1.45 -13.93 -7.34
N ALA B 42 -2.44 -13.74 -8.22
CA ALA B 42 -3.07 -14.85 -8.95
C ALA B 42 -3.47 -14.37 -10.33
N VAL B 43 -3.61 -15.33 -11.24
CA VAL B 43 -4.07 -15.05 -12.59
C VAL B 43 -5.53 -14.61 -12.48
N PRO B 44 -5.86 -13.38 -12.92
CA PRO B 44 -7.26 -12.95 -12.79
C PRO B 44 -8.20 -13.71 -13.72
N GLU B 45 -9.43 -13.92 -13.27
CA GLU B 45 -10.49 -14.47 -14.10
C GLU B 45 -11.09 -13.36 -14.96
N GLY B 46 -11.91 -13.76 -15.94
CA GLY B 46 -12.52 -12.80 -16.86
C GLY B 46 -11.54 -12.19 -17.84
N ASP B 47 -11.86 -11.00 -18.33
CA ASP B 47 -11.05 -10.32 -19.34
C ASP B 47 -9.89 -9.54 -18.72
N TRP B 48 -8.73 -9.61 -19.36
CA TRP B 48 -7.59 -8.74 -19.02
C TRP B 48 -7.00 -8.17 -20.30
N PHE B 49 -6.76 -6.86 -20.28
CA PHE B 49 -6.20 -6.15 -21.43
C PHE B 49 -4.88 -5.51 -21.02
N CYS B 50 -3.86 -5.73 -21.85
CA CYS B 50 -2.53 -5.17 -21.62
C CYS B 50 -2.55 -3.65 -21.81
N THR B 51 -1.47 -3.02 -21.37
CA THR B 51 -1.31 -1.56 -21.46
C THR B 51 -1.22 -1.03 -22.89
N VAL B 52 -0.74 -1.85 -23.82
CA VAL B 52 -0.73 -1.49 -25.25
C VAL B 52 -2.16 -1.43 -25.79
N CYS B 53 -2.97 -2.44 -25.47
CA CYS B 53 -4.39 -2.43 -25.87
C CYS B 53 -5.18 -1.28 -25.23
N LEU B 54 -4.93 -1.03 -23.94
CA LEU B 54 -5.60 0.05 -23.20
C LEU B 54 -5.24 1.47 -23.69
N ALA B 55 -4.04 1.64 -24.24
CA ALA B 55 -3.60 2.93 -24.78
C ALA B 55 -4.38 3.32 -26.05
N GLN B 56 -4.75 2.32 -26.85
CA GLN B 56 -5.48 2.55 -28.11
C GLN B 56 -6.95 2.89 -27.88
N LYS C 6 14.58 -15.11 15.00
CA LYS C 6 13.34 -15.44 15.78
C LYS C 6 12.58 -14.17 16.17
N VAL C 7 11.45 -13.91 15.50
CA VAL C 7 10.78 -12.63 15.60
C VAL C 7 10.10 -12.49 16.97
N THR C 8 10.24 -11.32 17.58
CA THR C 8 9.59 -11.01 18.85
C THR C 8 8.84 -9.69 18.72
N CYS C 9 7.78 -9.57 19.51
CA CYS C 9 6.91 -8.41 19.43
C CYS C 9 7.52 -7.27 20.23
N LEU C 10 7.61 -6.10 19.62
CA LEU C 10 8.13 -4.91 20.31
C LEU C 10 7.31 -4.47 21.52
N VAL C 11 6.00 -4.74 21.50
CA VAL C 11 5.11 -4.27 22.55
C VAL C 11 5.14 -5.23 23.73
N CYS C 12 4.88 -6.51 23.48
CA CYS C 12 4.76 -7.49 24.57
C CYS C 12 5.99 -8.39 24.79
N ARG C 13 7.00 -8.29 23.92
CA ARG C 13 8.27 -9.06 24.03
C ARG C 13 8.16 -10.58 23.79
N LYS C 14 7.01 -11.07 23.33
CA LYS C 14 6.84 -12.50 23.08
C LYS C 14 6.87 -12.80 21.59
N GLY C 15 7.26 -14.03 21.26
CA GLY C 15 7.31 -14.50 19.90
C GLY C 15 6.25 -15.54 19.58
N ASP C 16 5.20 -15.59 20.40
CA ASP C 16 4.12 -16.57 20.21
C ASP C 16 3.10 -16.10 19.18
N ASN C 17 2.22 -17.03 18.79
CA ASN C 17 1.17 -16.78 17.78
C ASN C 17 1.76 -16.13 16.52
N ASP C 18 2.77 -16.80 15.97
CA ASP C 18 3.58 -16.30 14.85
C ASP C 18 2.78 -15.85 13.61
N GLU C 19 1.60 -16.45 13.40
CA GLU C 19 0.72 -16.07 12.27
C GLU C 19 0.14 -14.64 12.39
N PHE C 20 0.17 -14.09 13.60
CA PHE C 20 -0.32 -12.73 13.88
C PHE C 20 0.79 -11.71 14.15
N LEU C 21 2.03 -12.14 13.96
CA LEU C 21 3.19 -11.39 14.39
C LEU C 21 3.84 -10.75 13.18
N LEU C 22 3.57 -9.46 12.95
CA LEU C 22 4.13 -8.74 11.81
C LEU C 22 5.63 -8.63 11.90
N LEU C 23 6.30 -8.69 10.75
CA LEU C 23 7.74 -8.53 10.65
C LEU C 23 7.99 -7.26 9.85
N CYS C 24 8.85 -6.39 10.37
CA CYS C 24 9.17 -5.12 9.71
C CYS C 24 9.92 -5.35 8.41
N ASP C 25 9.62 -4.53 7.40
CA ASP C 25 10.28 -4.61 6.09
C ASP C 25 11.67 -3.94 6.04
N GLY C 26 12.01 -3.17 7.07
CA GLY C 26 13.31 -2.51 7.15
C GLY C 26 14.28 -3.09 8.16
N CYS C 27 13.82 -3.94 9.08
CA CYS C 27 14.69 -4.52 10.09
C CYS C 27 14.13 -5.86 10.62
N ASP C 28 14.74 -6.40 11.68
CA ASP C 28 14.34 -7.71 12.24
C ASP C 28 13.23 -7.64 13.30
N ARG C 29 12.69 -6.45 13.54
CA ARG C 29 11.75 -6.26 14.64
C ARG C 29 10.35 -6.67 14.21
N GLY C 30 9.50 -6.93 15.19
CA GLY C 30 8.13 -7.38 14.93
C GLY C 30 7.10 -6.80 15.86
N CYS C 31 5.83 -7.09 15.55
CA CYS C 31 4.71 -6.64 16.36
C CYS C 31 3.47 -7.48 16.07
N HIS C 32 2.81 -7.98 17.13
CA HIS C 32 1.52 -8.64 16.97
C HIS C 32 0.51 -7.61 16.46
N ILE C 33 -0.33 -8.00 15.51
CA ILE C 33 -1.39 -7.10 15.03
C ILE C 33 -2.34 -6.70 16.17
N TYR C 34 -2.52 -7.61 17.14
CA TYR C 34 -3.35 -7.35 18.32
C TYR C 34 -2.69 -6.50 19.43
N CYS C 35 -1.38 -6.33 19.39
CA CYS C 35 -0.67 -5.42 20.30
C CYS C 35 -0.51 -3.99 19.73
N HIS C 36 -0.62 -3.85 18.40
CA HIS C 36 -0.45 -2.57 17.74
C HIS C 36 -1.56 -1.58 18.15
N ARG C 37 -1.18 -0.32 18.35
CA ARG C 37 -2.13 0.77 18.55
C ARG C 37 -1.66 1.91 17.63
N PRO C 38 -2.50 2.40 16.71
CA PRO C 38 -3.91 2.01 16.56
C PRO C 38 -4.14 0.57 16.13
N LYS C 39 -5.39 0.15 16.25
CA LYS C 39 -5.71 -1.27 16.14
C LYS C 39 -5.69 -1.78 14.71
N MET C 40 -5.22 -3.02 14.55
CA MET C 40 -5.14 -3.70 13.27
C MET C 40 -6.02 -4.92 13.32
N GLU C 41 -6.96 -5.03 12.39
CA GLU C 41 -7.86 -6.19 12.30
C GLU C 41 -7.17 -7.39 11.65
N ALA C 42 -6.21 -7.12 10.76
CA ALA C 42 -5.53 -8.18 10.00
C ALA C 42 -4.12 -7.78 9.61
N VAL C 43 -3.36 -8.78 9.16
CA VAL C 43 -2.01 -8.60 8.66
C VAL C 43 -2.11 -7.85 7.32
N PRO C 44 -1.55 -6.62 7.22
CA PRO C 44 -1.65 -5.89 5.95
C PRO C 44 -0.73 -6.46 4.88
N GLU C 45 -1.11 -6.27 3.62
CA GLU C 45 -0.22 -6.57 2.49
C GLU C 45 0.69 -5.37 2.23
N GLY C 46 1.69 -5.56 1.36
CA GLY C 46 2.66 -4.51 1.06
C GLY C 46 3.66 -4.33 2.19
N ASP C 47 4.00 -3.09 2.51
CA ASP C 47 5.01 -2.78 3.52
C ASP C 47 4.45 -2.27 4.84
N TRP C 48 4.94 -2.85 5.95
CA TRP C 48 4.78 -2.30 7.29
C TRP C 48 6.15 -1.97 7.86
N PHE C 49 6.28 -0.78 8.43
CA PHE C 49 7.53 -0.32 9.04
C PHE C 49 7.33 -0.06 10.52
N CYS C 50 8.24 -0.59 11.34
CA CYS C 50 8.23 -0.36 12.77
C CYS C 50 8.61 1.09 13.05
N THR C 51 8.45 1.52 14.29
CA THR C 51 8.71 2.91 14.67
C THR C 51 10.19 3.32 14.61
N VAL C 52 11.10 2.37 14.81
CA VAL C 52 12.53 2.65 14.66
C VAL C 52 12.83 3.00 13.20
N CYS C 53 12.33 2.18 12.28
CA CYS C 53 12.52 2.44 10.85
C CYS C 53 11.81 3.72 10.40
N LEU C 54 10.62 3.99 10.93
CA LEU C 54 9.94 5.27 10.69
C LEU C 54 10.76 6.48 11.15
N ALA C 55 11.44 6.36 12.29
CA ALA C 55 12.32 7.41 12.79
C ALA C 55 13.56 7.64 11.91
N GLN C 56 14.02 6.60 11.21
CA GLN C 56 15.14 6.71 10.26
C GLN C 56 14.76 7.39 8.93
N GLN C 57 13.48 7.38 8.57
CA GLN C 57 13.00 8.00 7.33
C GLN C 57 13.03 9.53 7.37
N LYS D 6 -7.51 11.34 -0.24
CA LYS D 6 -6.15 11.44 -0.83
C LYS D 6 -5.73 10.12 -1.48
N VAL D 7 -5.35 10.20 -2.75
CA VAL D 7 -4.94 9.01 -3.52
C VAL D 7 -3.46 8.74 -3.29
N THR D 8 -3.12 7.48 -3.04
CA THR D 8 -1.73 7.06 -2.95
C THR D 8 -1.47 5.91 -3.92
N CYS D 9 -0.27 5.87 -4.46
CA CYS D 9 0.11 4.88 -5.43
C CYS D 9 0.41 3.54 -4.75
N LEU D 10 -0.17 2.46 -5.27
CA LEU D 10 0.04 1.11 -4.73
C LEU D 10 1.47 0.58 -4.83
N VAL D 11 2.24 1.10 -5.78
CA VAL D 11 3.59 0.60 -6.04
C VAL D 11 4.61 1.30 -5.13
N CYS D 12 4.63 2.63 -5.19
CA CYS D 12 5.66 3.41 -4.48
C CYS D 12 5.20 4.06 -3.16
N ARG D 13 3.91 3.93 -2.82
CA ARG D 13 3.34 4.44 -1.56
C ARG D 13 3.30 5.98 -1.43
N LYS D 14 3.44 6.72 -2.54
CA LYS D 14 3.42 8.19 -2.49
C LYS D 14 2.20 8.73 -3.24
N GLY D 15 1.78 9.93 -2.84
CA GLY D 15 0.65 10.62 -3.46
C GLY D 15 1.04 11.87 -4.23
N ASP D 16 2.32 11.96 -4.62
CA ASP D 16 2.84 13.12 -5.36
C ASP D 16 2.55 13.02 -6.86
N ASN D 17 2.77 14.11 -7.58
CA ASN D 17 2.61 14.16 -9.04
C ASN D 17 1.22 13.65 -9.48
N ASP D 18 0.19 14.26 -8.91
CA ASP D 18 -1.19 13.79 -9.07
C ASP D 18 -1.74 13.82 -10.50
N GLU D 19 -1.10 14.57 -11.39
CA GLU D 19 -1.42 14.53 -12.83
C GLU D 19 -1.06 13.19 -13.49
N PHE D 20 -0.15 12.44 -12.88
CA PHE D 20 0.28 11.13 -13.37
C PHE D 20 -0.29 9.95 -12.57
N LEU D 21 -1.12 10.24 -11.57
CA LEU D 21 -1.57 9.26 -10.59
C LEU D 21 -2.97 8.77 -10.93
N LEU D 22 -3.06 7.55 -11.47
CA LEU D 22 -4.35 6.95 -11.85
C LEU D 22 -5.18 6.64 -10.61
N LEU D 23 -6.49 6.84 -10.72
CA LEU D 23 -7.44 6.41 -9.70
C LEU D 23 -8.17 5.22 -10.29
N CYS D 24 -8.26 4.13 -9.52
CA CYS D 24 -8.95 2.93 -9.97
C CYS D 24 -10.44 3.20 -10.20
N ASP D 25 -10.96 2.69 -11.31
CA ASP D 25 -12.38 2.81 -11.63
C ASP D 25 -13.27 1.85 -10.83
N GLY D 26 -12.67 0.95 -10.03
CA GLY D 26 -13.42 0.06 -9.14
C GLY D 26 -13.28 0.31 -7.64
N CYS D 27 -12.33 1.15 -7.22
CA CYS D 27 -12.10 1.41 -5.78
C CYS D 27 -11.33 2.72 -5.56
N ASP D 28 -10.90 2.99 -4.32
CA ASP D 28 -10.18 4.23 -3.97
C ASP D 28 -8.65 4.17 -4.15
N ARG D 29 -8.13 3.06 -4.68
CA ARG D 29 -6.69 2.85 -4.79
C ARG D 29 -6.18 3.54 -6.05
N GLY D 30 -4.87 3.76 -6.09
CA GLY D 30 -4.24 4.44 -7.22
C GLY D 30 -2.93 3.83 -7.67
N CYS D 31 -2.40 4.36 -8.77
CA CYS D 31 -1.10 3.96 -9.29
C CYS D 31 -0.57 5.00 -10.27
N HIS D 32 0.67 5.44 -10.07
CA HIS D 32 1.33 6.31 -11.05
C HIS D 32 1.47 5.55 -12.36
N ILE D 33 1.19 6.22 -13.48
CA ILE D 33 1.40 5.61 -14.80
C ILE D 33 2.86 5.19 -14.99
N TYR D 34 3.79 5.92 -14.36
CA TYR D 34 5.22 5.60 -14.42
C TYR D 34 5.69 4.47 -13.48
N CYS D 35 4.86 4.10 -12.51
CA CYS D 35 5.11 2.96 -11.64
C CYS D 35 4.51 1.65 -12.15
N HIS D 36 3.49 1.73 -12.99
CA HIS D 36 2.81 0.53 -13.52
C HIS D 36 3.76 -0.33 -14.37
N ARG D 37 3.70 -1.64 -14.15
CA ARG D 37 4.35 -2.64 -14.99
C ARG D 37 3.29 -3.70 -15.31
N PRO D 38 2.99 -3.98 -16.60
CA PRO D 38 3.66 -3.42 -17.77
C PRO D 38 3.52 -1.91 -17.94
N LYS D 39 4.42 -1.33 -18.71
CA LYS D 39 4.59 0.12 -18.77
C LYS D 39 3.47 0.84 -19.51
N MET D 40 3.16 2.03 -19.01
CA MET D 40 2.25 2.97 -19.65
C MET D 40 3.07 4.20 -20.02
N GLU D 41 2.78 4.80 -21.17
CA GLU D 41 3.39 6.06 -21.59
C GLU D 41 2.48 7.27 -21.32
N ALA D 42 1.19 7.03 -21.08
CA ALA D 42 0.23 8.11 -20.82
C ALA D 42 -1.01 7.56 -20.10
N VAL D 43 -1.91 8.46 -19.69
CA VAL D 43 -3.15 8.08 -19.03
C VAL D 43 -4.10 7.47 -20.06
N PRO D 44 -4.60 6.23 -19.82
CA PRO D 44 -5.49 5.61 -20.81
C PRO D 44 -6.87 6.26 -20.87
N GLU D 45 -7.49 6.22 -22.06
CA GLU D 45 -8.84 6.77 -22.27
C GLU D 45 -9.90 5.88 -21.65
N GLY D 46 -9.77 4.56 -21.87
CA GLY D 46 -10.65 3.56 -21.28
C GLY D 46 -10.33 3.30 -19.82
N ASP D 47 -11.15 2.45 -19.19
CA ASP D 47 -11.06 2.22 -17.73
C ASP D 47 -9.78 1.50 -17.32
N TRP D 48 -9.28 1.85 -16.14
CA TRP D 48 -8.13 1.17 -15.52
C TRP D 48 -8.56 0.56 -14.18
N PHE D 49 -8.19 -0.69 -13.96
CA PHE D 49 -8.44 -1.39 -12.70
C PHE D 49 -7.15 -1.79 -12.02
N CYS D 50 -7.08 -1.53 -10.71
CA CYS D 50 -5.98 -2.00 -9.87
C CYS D 50 -6.09 -3.52 -9.74
N THR D 51 -5.04 -4.14 -9.21
CA THR D 51 -5.00 -5.60 -9.09
C THR D 51 -5.95 -6.18 -8.06
N VAL D 52 -6.33 -5.40 -7.04
CA VAL D 52 -7.37 -5.87 -6.11
C VAL D 52 -8.70 -6.02 -6.86
N CYS D 53 -9.04 -5.03 -7.67
CA CYS D 53 -10.24 -5.10 -8.51
C CYS D 53 -10.20 -6.19 -9.59
N LEU D 54 -9.04 -6.38 -10.23
CA LEU D 54 -8.88 -7.48 -11.18
C LEU D 54 -9.13 -8.84 -10.52
N ALA D 55 -8.71 -8.97 -9.26
CA ALA D 55 -8.92 -10.20 -8.50
C ALA D 55 -10.40 -10.45 -8.11
N GLN D 56 -11.25 -9.42 -8.19
CA GLN D 56 -12.72 -9.58 -8.02
C GLN D 56 -13.47 -10.04 -9.29
N GLN D 57 -12.82 -9.97 -10.45
CA GLN D 57 -13.49 -10.34 -11.72
C GLN D 57 -13.81 -11.83 -11.78
N VAL D 58 -14.79 -12.18 -12.63
CA VAL D 58 -15.09 -13.57 -12.98
C VAL D 58 -15.35 -13.68 -14.48
N ALA E 1 6.42 13.24 7.96
CA ALA E 1 4.98 13.49 8.33
C ALA E 1 4.83 14.81 9.07
N ARG E 2 3.57 15.21 9.26
CA ARG E 2 3.23 16.45 9.95
C ARG E 2 2.18 16.21 11.02
N THR E 3 2.00 17.22 11.87
CA THR E 3 1.05 17.19 12.98
C THR E 3 -0.10 18.16 12.73
N ALA E 4 -1.13 18.05 13.56
CA ALA E 4 -2.29 18.96 13.48
C ALA E 4 -1.92 20.40 13.86
N ALA E 5 -0.87 20.58 14.66
CA ALA E 5 -0.34 21.91 14.98
C ALA E 5 0.42 22.51 13.80
N THR E 6 1.33 21.73 13.21
CA THR E 6 2.12 22.18 12.05
C THR E 6 1.30 22.38 10.77
N ALA E 7 0.16 21.68 10.66
CA ALA E 7 -0.78 21.89 9.56
C ALA E 7 -1.51 23.24 9.70
N ARG E 8 -2.20 23.42 10.83
CA ARG E 8 -2.94 24.66 11.13
C ARG E 8 -2.21 25.47 12.21
N ALA F 1 -9.64 6.32 -18.39
CA ALA F 1 -9.24 6.38 -16.94
C ALA F 1 -9.00 7.81 -16.49
N ARG F 2 -9.29 8.08 -15.22
CA ARG F 2 -9.11 9.41 -14.61
C ARG F 2 -7.95 9.40 -13.62
N THR F 3 -7.37 10.58 -13.41
CA THR F 3 -6.27 10.78 -12.47
C THR F 3 -6.76 11.44 -11.18
N ALA F 4 -5.89 11.47 -10.18
CA ALA F 4 -6.18 12.18 -8.92
C ALA F 4 -6.35 13.69 -9.12
N ALA F 5 -5.61 14.25 -10.09
CA ALA F 5 -5.71 15.66 -10.44
C ALA F 5 -7.06 16.02 -11.07
N THR F 6 -7.51 15.19 -12.01
CA THR F 6 -8.81 15.40 -12.69
C THR F 6 -9.99 15.23 -11.75
N ALA F 7 -9.91 14.28 -10.81
CA ALA F 7 -10.95 14.07 -9.80
C ALA F 7 -10.95 15.19 -8.76
N ARG F 8 -9.80 15.40 -8.12
CA ARG F 8 -9.64 16.43 -7.09
C ARG F 8 -9.29 17.78 -7.71
N ALA G 1 2.70 -7.03 4.26
CA ALA G 1 3.60 -7.37 5.39
C ALA G 1 3.74 -8.88 5.53
N ARG G 2 4.96 -9.33 5.82
CA ARG G 2 5.21 -10.72 6.18
C ARG G 2 4.99 -10.90 7.68
N THR G 3 4.97 -12.16 8.10
CA THR G 3 4.88 -12.52 9.51
C THR G 3 5.99 -13.50 9.89
N ALA G 4 6.11 -13.78 11.18
CA ALA G 4 7.06 -14.77 11.69
C ALA G 4 6.81 -16.18 11.15
N ALA G 5 5.55 -16.50 10.88
CA ALA G 5 5.17 -17.79 10.27
C ALA G 5 5.57 -17.85 8.79
N THR G 6 5.28 -16.79 8.04
CA THR G 6 5.64 -16.71 6.61
C THR G 6 7.14 -16.53 6.39
N ALA G 7 7.82 -15.86 7.33
CA ALA G 7 9.29 -15.73 7.33
C ALA G 7 9.93 -16.91 8.07
ZN ZN H . -4.39 9.77 21.59
ZN ZN I . -4.88 6.79 6.85
P PO4 J . 1.21 0.66 28.08
O1 PO4 J . 1.18 2.15 28.34
O2 PO4 J . 1.11 0.42 26.59
O3 PO4 J . 0.02 0.00 28.74
O4 PO4 J . 2.49 0.10 28.62
ZN ZN K . 7.95 -11.66 -16.89
ZN ZN L . -3.02 -6.48 -25.56
P PO4 M . 10.40 -4.90 -6.76
O1 PO4 M . 11.18 -4.30 -5.62
O2 PO4 M . 10.87 -4.31 -8.06
O3 PO4 M . 8.94 -4.60 -6.58
O4 PO4 M . 10.61 -6.40 -6.77
ZN ZN N . 2.71 -8.62 21.19
ZN ZN O . 12.00 -1.76 11.51
C1 GOL P . -7.19 -0.63 24.44
O1 GOL P . -8.43 -1.20 24.88
C2 GOL P . -6.03 -1.19 25.26
O2 GOL P . -6.20 -2.59 25.46
C3 GOL P . -5.90 -0.47 26.59
O3 GOL P . -4.93 0.58 26.48
ZN ZN Q . 4.05 5.44 -7.75
ZN ZN R . -9.36 -1.06 -7.52
P PO4 S . 12.36 -1.02 -15.40
O1 PO4 S . 12.17 0.47 -15.23
O2 PO4 S . 13.53 -1.48 -14.56
O3 PO4 S . 11.11 -1.76 -14.96
O4 PO4 S . 12.64 -1.31 -16.86
#